data_4M8E
#
_entry.id   4M8E
#
_cell.length_a   66.279
_cell.length_b   66.279
_cell.length_c   111.011
_cell.angle_alpha   90.00
_cell.angle_beta   90.00
_cell.angle_gamma   90.00
#
_symmetry.space_group_name_H-M   'P 43 21 2'
#
loop_
_entity.id
_entity.type
_entity.pdbx_description
1 polymer 'Retinoic acid receptor RXR-alpha'
2 polymer 'Nuclear receptor coactivator 2'
3 non-polymer '(3E,6Z,8E)-3,7-dimethyl-8-[(4S)-4-methyl-3,4-dihydronaphthalen-1(2H)-ylidene]octa-3,6-dienoic acid'
4 water water
#
loop_
_entity_poly.entity_id
_entity_poly.type
_entity_poly.pdbx_seq_one_letter_code
_entity_poly.pdbx_strand_id
1 'polypeptide(L)'
;EDMPVERILEAELAVEPKTETYVEANMGLNPSSPNDPVTNICQAADKQLFTLVEWAKRIPHFSELPLDDQVILLRAGWNE
LLIASFSHRSIAVKDGILLATGLHVHRNSAHSAGVGAIFDRVLTELVSKMRDMQMDKTELGCLRAIVLFNPDSKGLSNPA
EVEALREKVYASLEAYCKHKYPEQPGRFAKLLLRLPALRSIGLKCLEHLFFFKLIGDTPIDTFLMEMLEAP
;
A
2 'polypeptide(L)' KHKILHRLLQD B
#
loop_
_chem_comp.id
_chem_comp.type
_chem_comp.name
_chem_comp.formula
29V non-polymer '(3E,6Z,8E)-3,7-dimethyl-8-[(4S)-4-methyl-3,4-dihydronaphthalen-1(2H)-ylidene]octa-3,6-dienoic acid' 'C21 H26 O2'
#
# COMPACT_ATOMS: atom_id res chain seq x y z
N GLU A 1 3.42 1.49 22.74
CA GLU A 1 4.70 2.15 23.16
C GLU A 1 5.80 1.85 22.14
N ASP A 2 6.70 2.82 21.97
CA ASP A 2 7.82 2.70 21.04
C ASP A 2 7.38 2.61 19.58
N MET A 3 6.63 3.60 19.12
CA MET A 3 6.18 3.62 17.74
C MET A 3 6.35 5.05 17.24
N PRO A 4 7.60 5.54 17.22
CA PRO A 4 7.92 6.90 16.77
C PRO A 4 7.66 7.13 15.28
N VAL A 5 7.07 8.28 14.95
CA VAL A 5 6.77 8.63 13.56
C VAL A 5 8.06 8.87 12.78
N GLU A 6 9.18 9.04 13.48
CA GLU A 6 10.46 9.27 12.81
C GLU A 6 10.92 7.99 12.12
N ARG A 7 10.74 6.87 12.81
CA ARG A 7 11.12 5.56 12.29
C ARG A 7 10.23 5.21 11.09
N ILE A 8 8.95 5.60 11.17
CA ILE A 8 8.00 5.33 10.10
C ILE A 8 8.34 6.14 8.85
N LEU A 9 8.73 7.39 9.06
CA LEU A 9 9.09 8.28 7.95
C LEU A 9 10.33 7.73 7.22
N GLU A 10 11.32 7.26 7.98
CA GLU A 10 12.54 6.72 7.41
C GLU A 10 12.25 5.51 6.52
N ALA A 11 11.24 4.74 6.88
CA ALA A 11 10.88 3.56 6.11
C ALA A 11 10.44 4.00 4.71
N GLU A 12 9.66 5.07 4.66
CA GLU A 12 9.18 5.61 3.39
C GLU A 12 10.31 6.22 2.55
N LEU A 13 11.16 7.02 3.20
CA LEU A 13 12.27 7.68 2.50
C LEU A 13 13.34 6.67 2.07
N ALA A 14 13.38 5.53 2.74
CA ALA A 14 14.37 4.51 2.42
C ALA A 14 13.98 3.63 1.24
N VAL A 15 12.68 3.40 1.05
CA VAL A 15 12.21 2.54 -0.02
C VAL A 15 11.84 3.26 -1.31
N GLU A 16 11.98 4.58 -1.32
CA GLU A 16 11.62 5.34 -2.51
C GLU A 16 12.33 6.68 -2.61
N PRO A 17 13.08 6.90 -3.71
CA PRO A 17 13.82 8.15 -3.95
C PRO A 17 12.91 9.34 -4.26
N ASN A 35 4.07 -1.27 -24.00
CA ASN A 35 3.15 -0.20 -24.42
C ASN A 35 1.81 -0.34 -23.73
N ASP A 36 1.35 -1.58 -23.53
CA ASP A 36 0.08 -1.83 -22.86
C ASP A 36 0.18 -1.31 -21.42
N PRO A 37 -0.62 -0.31 -21.07
CA PRO A 37 -0.61 0.26 -19.73
C PRO A 37 -0.77 -0.81 -18.62
N VAL A 38 -1.61 -1.80 -18.89
CA VAL A 38 -1.81 -2.89 -17.93
C VAL A 38 -0.53 -3.67 -17.71
N THR A 39 0.16 -4.01 -18.78
CA THR A 39 1.42 -4.75 -18.67
C THR A 39 2.43 -3.95 -17.85
N ASN A 40 2.47 -2.64 -18.06
CA ASN A 40 3.40 -1.78 -17.33
C ASN A 40 3.04 -1.72 -15.85
N ILE A 41 1.74 -1.75 -15.56
CA ILE A 41 1.27 -1.72 -14.17
C ILE A 41 1.67 -2.98 -13.42
N CYS A 42 1.49 -4.14 -14.05
CA CYS A 42 1.82 -5.44 -13.45
C CYS A 42 3.31 -5.56 -13.24
N GLN A 43 4.07 -5.01 -14.18
CA GLN A 43 5.52 -5.07 -14.07
C GLN A 43 5.99 -4.20 -12.92
N ALA A 44 5.29 -3.10 -12.69
CA ALA A 44 5.64 -2.18 -11.63
C ALA A 44 5.27 -2.77 -10.26
N ALA A 45 4.14 -3.47 -10.21
CA ALA A 45 3.68 -4.06 -8.94
C ALA A 45 4.63 -5.18 -8.51
N ASP A 46 5.19 -5.91 -9.48
CA ASP A 46 6.11 -6.98 -9.16
C ASP A 46 7.40 -6.38 -8.60
N LYS A 47 7.83 -5.28 -9.20
CA LYS A 47 9.03 -4.57 -8.76
C LYS A 47 8.86 -4.08 -7.32
N GLN A 48 7.74 -3.42 -7.06
CA GLN A 48 7.49 -2.88 -5.73
C GLN A 48 7.27 -3.93 -4.65
N LEU A 49 6.83 -5.12 -5.05
CA LEU A 49 6.62 -6.16 -4.05
C LEU A 49 7.90 -6.47 -3.27
N PHE A 50 9.05 -6.45 -3.94
CA PHE A 50 10.32 -6.72 -3.25
C PHE A 50 10.63 -5.56 -2.31
N THR A 51 10.35 -4.34 -2.76
CA THR A 51 10.58 -3.15 -1.97
C THR A 51 9.64 -3.11 -0.76
N LEU A 52 8.44 -3.65 -0.93
CA LEU A 52 7.45 -3.68 0.13
C LEU A 52 7.97 -4.48 1.32
N VAL A 53 8.66 -5.57 1.04
CA VAL A 53 9.21 -6.39 2.11
C VAL A 53 10.28 -5.62 2.89
N GLU A 54 11.13 -4.89 2.16
CA GLU A 54 12.20 -4.10 2.80
C GLU A 54 11.60 -2.95 3.61
N TRP A 55 10.49 -2.40 3.11
CA TRP A 55 9.82 -1.32 3.81
C TRP A 55 9.24 -1.83 5.13
N ALA A 56 8.59 -2.99 5.06
CA ALA A 56 7.97 -3.60 6.24
C ALA A 56 9.00 -3.84 7.33
N LYS A 57 10.14 -4.39 6.94
CA LYS A 57 11.22 -4.68 7.89
C LYS A 57 11.65 -3.44 8.65
N ARG A 58 11.57 -2.28 8.01
CA ARG A 58 11.96 -0.99 8.63
C ARG A 58 10.85 -0.45 9.55
N ILE A 59 9.70 -1.13 9.56
CA ILE A 59 8.60 -0.70 10.42
C ILE A 59 8.83 -1.32 11.81
N PRO A 60 8.87 -0.48 12.85
CA PRO A 60 9.08 -0.93 14.22
C PRO A 60 8.27 -2.14 14.67
N HIS A 61 8.96 -3.12 15.25
CA HIS A 61 8.34 -4.33 15.77
C HIS A 61 7.85 -5.33 14.74
N PHE A 62 7.63 -4.90 13.51
CA PHE A 62 7.14 -5.81 12.48
C PHE A 62 7.97 -7.10 12.39
N SER A 63 9.28 -6.94 12.24
CA SER A 63 10.21 -8.07 12.13
C SER A 63 10.26 -8.94 13.37
N GLU A 64 9.75 -8.43 14.47
CA GLU A 64 9.75 -9.16 15.72
C GLU A 64 8.58 -10.15 15.78
N LEU A 65 7.65 -10.02 14.84
CA LEU A 65 6.51 -10.91 14.78
C LEU A 65 6.94 -12.24 14.16
N PRO A 66 6.24 -13.34 14.50
CA PRO A 66 6.62 -14.64 13.93
C PRO A 66 6.58 -14.60 12.39
N LEU A 67 7.58 -15.22 11.77
CA LEU A 67 7.69 -15.24 10.32
C LEU A 67 6.36 -15.48 9.62
N ASP A 68 5.57 -16.41 10.15
CA ASP A 68 4.29 -16.74 9.57
C ASP A 68 3.31 -15.58 9.57
N ASP A 69 3.23 -14.85 10.70
CA ASP A 69 2.34 -13.70 10.79
C ASP A 69 2.79 -12.59 9.85
N GLN A 70 4.09 -12.51 9.58
CA GLN A 70 4.60 -11.49 8.68
C GLN A 70 4.11 -11.81 7.27
N VAL A 71 4.11 -13.09 6.90
CA VAL A 71 3.66 -13.49 5.58
C VAL A 71 2.17 -13.17 5.42
N ILE A 72 1.40 -13.43 6.47
CA ILE A 72 -0.03 -13.16 6.47
C ILE A 72 -0.33 -11.67 6.31
N LEU A 73 0.29 -10.85 7.15
CA LEU A 73 0.09 -9.42 7.09
C LEU A 73 0.43 -8.84 5.71
N LEU A 74 1.56 -9.23 5.14
CA LEU A 74 1.98 -8.72 3.83
C LEU A 74 1.09 -9.22 2.67
N ARG A 75 0.73 -10.51 2.71
CA ARG A 75 -0.10 -11.09 1.67
C ARG A 75 -1.52 -10.56 1.72
N ALA A 76 -1.92 -10.07 2.89
CA ALA A 76 -3.26 -9.53 3.09
C ALA A 76 -3.34 -8.05 2.77
N GLY A 77 -2.21 -7.34 2.80
CA GLY A 77 -2.21 -5.91 2.53
C GLY A 77 -1.36 -5.35 1.39
N TRP A 78 -0.57 -6.19 0.74
CA TRP A 78 0.29 -5.71 -0.34
C TRP A 78 -0.39 -4.84 -1.39
N ASN A 79 -1.60 -5.21 -1.77
CA ASN A 79 -2.31 -4.46 -2.77
C ASN A 79 -2.71 -3.06 -2.29
N GLU A 80 -3.27 -2.98 -1.09
CA GLU A 80 -3.64 -1.65 -0.57
C GLU A 80 -2.38 -0.84 -0.25
N LEU A 81 -1.32 -1.50 0.22
CA LEU A 81 -0.08 -0.79 0.55
C LEU A 81 0.58 -0.19 -0.70
N LEU A 82 0.58 -0.95 -1.80
CA LEU A 82 1.17 -0.48 -3.06
C LEU A 82 0.30 0.61 -3.69
N ILE A 83 -1.01 0.42 -3.64
CA ILE A 83 -1.93 1.40 -4.20
C ILE A 83 -1.80 2.77 -3.48
N ALA A 84 -1.64 2.73 -2.15
CA ALA A 84 -1.50 3.95 -1.39
C ALA A 84 -0.19 4.66 -1.77
N SER A 85 0.84 3.87 -2.07
CA SER A 85 2.11 4.45 -2.45
C SER A 85 2.18 5.15 -3.80
N PHE A 86 1.73 4.50 -4.88
CA PHE A 86 1.81 5.16 -6.18
C PHE A 86 0.84 6.32 -6.31
N SER A 87 -0.17 6.33 -5.45
CA SER A 87 -1.16 7.40 -5.44
C SER A 87 -0.52 8.67 -4.89
N HIS A 88 -0.02 8.57 -3.67
CA HIS A 88 0.60 9.69 -3.00
C HIS A 88 1.74 10.21 -3.86
N ARG A 89 2.35 9.31 -4.64
CA ARG A 89 3.46 9.67 -5.51
C ARG A 89 2.96 10.42 -6.75
N SER A 90 1.68 10.25 -7.04
CA SER A 90 1.08 10.86 -8.22
C SER A 90 0.36 12.18 -7.94
N ILE A 91 0.57 12.73 -6.76
CA ILE A 91 -0.07 13.98 -6.37
C ILE A 91 0.20 15.13 -7.33
N ALA A 92 1.43 15.24 -7.81
CA ALA A 92 1.80 16.32 -8.72
C ALA A 92 1.49 16.01 -10.18
N VAL A 93 0.94 14.82 -10.42
CA VAL A 93 0.61 14.41 -11.78
C VAL A 93 -0.74 14.96 -12.21
N LYS A 94 -0.86 15.27 -13.49
CA LYS A 94 -2.11 15.82 -14.04
C LYS A 94 -3.22 14.78 -13.90
N ASP A 95 -3.47 14.02 -14.95
CA ASP A 95 -4.52 13.00 -14.90
C ASP A 95 -3.89 11.65 -15.14
N GLY A 96 -3.13 11.17 -14.15
CA GLY A 96 -2.47 9.89 -14.29
C GLY A 96 -1.66 9.53 -13.06
N ILE A 97 -0.91 8.45 -13.14
CA ILE A 97 -0.09 8.04 -12.01
C ILE A 97 1.33 7.77 -12.44
N LEU A 98 2.25 7.89 -11.49
CA LEU A 98 3.66 7.65 -11.76
C LEU A 98 4.00 6.27 -11.21
N LEU A 99 4.43 5.37 -12.10
CA LEU A 99 4.80 4.03 -11.67
C LEU A 99 6.24 4.01 -11.17
N ALA A 100 6.54 3.05 -10.30
CA ALA A 100 7.88 2.92 -9.73
C ALA A 100 8.94 2.78 -10.82
N THR A 101 8.54 2.24 -11.96
CA THR A 101 9.45 2.07 -13.09
C THR A 101 9.78 3.38 -13.79
N GLY A 102 9.15 4.47 -13.35
CA GLY A 102 9.40 5.76 -13.98
C GLY A 102 8.47 6.05 -15.14
N LEU A 103 7.51 5.17 -15.37
CA LEU A 103 6.54 5.32 -16.46
C LEU A 103 5.27 6.03 -16.00
N HIS A 104 4.73 6.91 -16.82
CA HIS A 104 3.51 7.61 -16.46
C HIS A 104 2.32 6.97 -17.17
N VAL A 105 1.27 6.65 -16.43
CA VAL A 105 0.08 6.06 -17.02
C VAL A 105 -1.01 7.14 -17.01
N HIS A 106 -1.31 7.68 -18.18
CA HIS A 106 -2.32 8.72 -18.27
C HIS A 106 -3.73 8.14 -18.15
N ARG A 107 -4.68 8.97 -17.73
CA ARG A 107 -6.07 8.56 -17.57
C ARG A 107 -6.65 7.98 -18.87
N ASN A 108 -6.38 8.65 -20.01
CA ASN A 108 -6.88 8.20 -21.31
C ASN A 108 -6.27 6.87 -21.71
N SER A 109 -5.01 6.67 -21.33
CA SER A 109 -4.31 5.44 -21.65
C SER A 109 -4.95 4.26 -20.93
N ALA A 110 -5.32 4.45 -19.66
CA ALA A 110 -5.96 3.40 -18.88
C ALA A 110 -7.34 3.13 -19.47
N HIS A 111 -8.02 4.19 -19.89
CA HIS A 111 -9.35 4.07 -20.46
C HIS A 111 -9.32 3.26 -21.76
N SER A 112 -8.36 3.56 -22.63
CA SER A 112 -8.24 2.86 -23.90
C SER A 112 -7.80 1.40 -23.72
N ALA A 113 -7.56 1.00 -22.47
CA ALA A 113 -7.14 -0.37 -22.17
C ALA A 113 -8.23 -1.19 -21.48
N GLY A 114 -9.37 -0.55 -21.21
CA GLY A 114 -10.48 -1.22 -20.56
C GLY A 114 -10.53 -1.08 -19.03
N VAL A 115 -9.46 -0.56 -18.43
CA VAL A 115 -9.43 -0.42 -16.98
C VAL A 115 -9.65 1.01 -16.54
N GLY A 116 -10.50 1.73 -17.26
CA GLY A 116 -10.78 3.12 -16.94
C GLY A 116 -11.62 3.38 -15.70
N ALA A 117 -12.57 2.48 -15.41
CA ALA A 117 -13.46 2.63 -14.25
C ALA A 117 -12.66 2.69 -12.93
N ILE A 118 -11.80 1.70 -12.73
CA ILE A 118 -10.98 1.63 -11.51
C ILE A 118 -9.91 2.72 -11.47
N PHE A 119 -9.26 2.98 -12.60
CA PHE A 119 -8.22 4.01 -12.66
C PHE A 119 -8.83 5.34 -12.27
N ASP A 120 -10.07 5.60 -12.68
CA ASP A 120 -10.74 6.86 -12.32
C ASP A 120 -11.01 6.89 -10.81
N ARG A 121 -11.34 5.73 -10.25
CA ARG A 121 -11.60 5.71 -8.82
C ARG A 121 -10.34 6.03 -8.02
N VAL A 122 -9.19 5.65 -8.56
CA VAL A 122 -7.92 5.91 -7.92
C VAL A 122 -7.60 7.41 -7.92
N LEU A 123 -7.87 8.06 -9.05
CA LEU A 123 -7.60 9.49 -9.16
C LEU A 123 -8.53 10.32 -8.29
N THR A 124 -9.81 9.99 -8.31
CA THR A 124 -10.82 10.74 -7.55
C THR A 124 -10.83 10.50 -6.05
N GLU A 125 -10.90 9.23 -5.66
CA GLU A 125 -10.97 8.86 -4.26
C GLU A 125 -9.65 8.86 -3.54
N LEU A 126 -8.56 8.62 -4.26
CA LEU A 126 -7.25 8.61 -3.61
C LEU A 126 -6.29 9.74 -3.95
N VAL A 127 -5.73 9.70 -5.16
CA VAL A 127 -4.76 10.71 -5.60
C VAL A 127 -5.20 12.15 -5.37
N SER A 128 -6.37 12.49 -5.89
CA SER A 128 -6.90 13.84 -5.72
C SER A 128 -7.09 14.23 -4.28
N LYS A 129 -7.64 13.33 -3.47
CA LYS A 129 -7.90 13.62 -2.05
C LYS A 129 -6.59 13.83 -1.31
N MET A 130 -5.60 12.97 -1.56
CA MET A 130 -4.31 13.10 -0.90
C MET A 130 -3.74 14.48 -1.20
N ARG A 131 -3.93 14.93 -2.44
CA ARG A 131 -3.42 16.22 -2.88
C ARG A 131 -4.19 17.39 -2.27
N ASP A 132 -5.50 17.23 -2.13
CA ASP A 132 -6.31 18.31 -1.55
C ASP A 132 -5.92 18.60 -0.11
N MET A 133 -5.49 17.58 0.63
CA MET A 133 -5.14 17.78 2.03
C MET A 133 -3.65 17.81 2.27
N GLN A 134 -2.89 17.74 1.19
CA GLN A 134 -1.44 17.78 1.26
C GLN A 134 -0.90 16.75 2.23
N MET A 135 -1.40 15.52 2.13
CA MET A 135 -0.95 14.42 2.97
C MET A 135 0.57 14.30 2.81
N ASP A 136 1.31 14.43 3.91
CA ASP A 136 2.76 14.36 3.83
C ASP A 136 3.25 12.93 3.91
N LYS A 137 4.56 12.75 3.76
CA LYS A 137 5.16 11.42 3.81
C LYS A 137 5.01 10.70 5.15
N THR A 138 5.07 11.44 6.24
CA THR A 138 4.91 10.86 7.57
C THR A 138 3.50 10.30 7.70
N GLU A 139 2.53 11.08 7.22
CA GLU A 139 1.13 10.69 7.28
C GLU A 139 0.87 9.47 6.40
N LEU A 140 1.54 9.42 5.26
CA LEU A 140 1.41 8.31 4.33
C LEU A 140 1.98 7.05 4.97
N GLY A 141 3.14 7.21 5.60
CA GLY A 141 3.80 6.11 6.26
C GLY A 141 2.93 5.46 7.33
N CYS A 142 2.41 6.28 8.24
CA CYS A 142 1.56 5.79 9.31
C CYS A 142 0.32 5.06 8.80
N LEU A 143 -0.32 5.61 7.77
CA LEU A 143 -1.52 4.98 7.21
C LEU A 143 -1.18 3.58 6.72
N ARG A 144 -0.11 3.49 5.94
CA ARG A 144 0.31 2.19 5.42
C ARG A 144 0.62 1.23 6.56
N ALA A 145 1.24 1.77 7.61
CA ALA A 145 1.58 0.98 8.77
C ALA A 145 0.29 0.47 9.41
N ILE A 146 -0.72 1.33 9.46
CA ILE A 146 -2.02 0.95 10.03
C ILE A 146 -2.62 -0.20 9.18
N VAL A 147 -2.40 -0.14 7.87
CA VAL A 147 -2.90 -1.17 6.97
C VAL A 147 -2.11 -2.48 7.15
N LEU A 148 -0.80 -2.34 7.22
CA LEU A 148 0.08 -3.49 7.41
C LEU A 148 -0.37 -4.24 8.65
N PHE A 149 -0.52 -3.52 9.76
CA PHE A 149 -0.94 -4.14 11.02
C PHE A 149 -2.45 -4.39 11.04
N ASN A 150 -2.91 -5.23 10.11
CA ASN A 150 -4.32 -5.57 10.00
C ASN A 150 -4.68 -6.73 10.95
N PRO A 151 -5.30 -6.42 12.08
CA PRO A 151 -5.69 -7.44 13.08
C PRO A 151 -6.80 -8.37 12.60
N ASP A 152 -7.44 -8.02 11.48
CA ASP A 152 -8.50 -8.87 10.93
C ASP A 152 -7.96 -9.96 9.98
N SER A 153 -6.65 -9.95 9.72
CA SER A 153 -6.05 -10.94 8.83
C SER A 153 -6.24 -12.35 9.40
N LYS A 154 -6.87 -13.22 8.62
CA LYS A 154 -7.12 -14.60 9.04
C LYS A 154 -5.83 -15.41 9.20
N GLY A 155 -5.84 -16.35 10.14
CA GLY A 155 -4.69 -17.22 10.38
C GLY A 155 -3.65 -16.66 11.34
N LEU A 156 -3.82 -15.40 11.73
CA LEU A 156 -2.88 -14.76 12.65
C LEU A 156 -2.67 -15.56 13.93
N SER A 157 -1.41 -15.81 14.28
CA SER A 157 -1.10 -16.57 15.49
C SER A 157 -1.48 -15.78 16.73
N ASN A 158 -1.39 -14.46 16.64
CA ASN A 158 -1.75 -13.60 17.76
C ASN A 158 -2.31 -12.27 17.28
N PRO A 159 -3.59 -12.27 16.88
CA PRO A 159 -4.26 -11.06 16.38
C PRO A 159 -4.26 -9.89 17.37
N ALA A 160 -4.34 -10.20 18.66
CA ALA A 160 -4.35 -9.18 19.70
C ALA A 160 -3.08 -8.34 19.63
N GLU A 161 -1.95 -9.03 19.49
CA GLU A 161 -0.66 -8.33 19.39
C GLU A 161 -0.63 -7.40 18.17
N VAL A 162 -1.12 -7.88 17.03
CA VAL A 162 -1.16 -7.09 15.82
C VAL A 162 -2.07 -5.88 16.03
N GLU A 163 -3.09 -6.09 16.84
CA GLU A 163 -4.03 -5.04 17.17
C GLU A 163 -3.35 -3.97 18.01
N ALA A 164 -2.55 -4.40 19.00
CA ALA A 164 -1.87 -3.47 19.89
C ALA A 164 -0.92 -2.58 19.09
N LEU A 165 -0.25 -3.17 18.11
CA LEU A 165 0.68 -2.43 17.26
C LEU A 165 -0.04 -1.37 16.42
N ARG A 166 -1.20 -1.72 15.86
CA ARG A 166 -1.99 -0.80 15.05
C ARG A 166 -2.36 0.42 15.89
N GLU A 167 -2.79 0.17 17.13
CA GLU A 167 -3.20 1.23 18.05
C GLU A 167 -2.04 2.17 18.36
N LYS A 168 -0.83 1.63 18.45
CA LYS A 168 0.34 2.44 18.73
C LYS A 168 0.65 3.32 17.51
N VAL A 169 0.27 2.85 16.33
CA VAL A 169 0.56 3.61 15.12
C VAL A 169 -0.33 4.83 14.97
N TYR A 170 -1.65 4.64 15.09
CA TYR A 170 -2.53 5.77 14.96
C TYR A 170 -2.50 6.66 16.20
N ALA A 171 -1.86 6.17 17.26
CA ALA A 171 -1.74 6.99 18.47
C ALA A 171 -0.63 8.01 18.20
N SER A 172 0.44 7.53 17.56
CA SER A 172 1.57 8.39 17.23
C SER A 172 1.17 9.31 16.10
N LEU A 173 0.30 8.81 15.22
CA LEU A 173 -0.17 9.58 14.07
C LEU A 173 -1.02 10.77 14.51
N GLU A 174 -1.91 10.53 15.48
CA GLU A 174 -2.79 11.59 15.99
C GLU A 174 -1.93 12.64 16.69
N ALA A 175 -0.87 12.17 17.34
CA ALA A 175 0.04 13.08 18.03
C ALA A 175 0.75 13.94 17.01
N TYR A 176 1.19 13.32 15.92
CA TYR A 176 1.91 14.02 14.86
C TYR A 176 1.01 15.15 14.38
N CYS A 177 -0.23 14.78 14.04
CA CYS A 177 -1.22 15.77 13.61
C CYS A 177 -1.55 16.55 14.89
N LYS A 178 -2.33 17.62 14.77
CA LYS A 178 -2.70 18.39 15.95
C LYS A 178 -1.50 19.19 16.45
N HIS A 179 -0.32 18.60 16.32
CA HIS A 179 0.93 19.23 16.73
C HIS A 179 1.57 19.85 15.50
N LYS A 180 1.45 19.14 14.38
CA LYS A 180 2.01 19.60 13.12
C LYS A 180 0.96 20.44 12.40
N TYR A 181 -0.31 20.10 12.63
CA TYR A 181 -1.42 20.82 12.00
C TYR A 181 -2.45 21.13 13.07
N PRO A 182 -2.11 22.01 14.02
CA PRO A 182 -3.04 22.37 15.09
C PRO A 182 -4.33 22.99 14.59
N GLU A 183 -4.22 23.77 13.53
CA GLU A 183 -5.36 24.46 12.94
C GLU A 183 -6.35 23.49 12.26
N GLN A 184 -5.97 22.22 12.16
CA GLN A 184 -6.83 21.21 11.51
C GLN A 184 -7.16 20.06 12.45
N PRO A 185 -8.13 20.26 13.35
CA PRO A 185 -8.56 19.25 14.33
C PRO A 185 -9.19 18.00 13.71
N GLY A 186 -9.68 18.11 12.48
CA GLY A 186 -10.28 16.96 11.84
C GLY A 186 -9.33 16.23 10.89
N ARG A 187 -8.06 16.62 10.86
CA ARG A 187 -7.11 15.98 9.95
C ARG A 187 -6.93 14.50 10.23
N PHE A 188 -6.78 14.17 11.51
CA PHE A 188 -6.59 12.79 11.94
C PHE A 188 -7.71 11.89 11.40
N ALA A 189 -8.95 12.30 11.60
CA ALA A 189 -10.11 11.52 11.12
C ALA A 189 -10.15 11.51 9.59
N LYS A 190 -9.77 12.62 8.96
CA LYS A 190 -9.78 12.71 7.50
C LYS A 190 -8.86 11.67 6.88
N LEU A 191 -7.70 11.45 7.49
CA LEU A 191 -6.73 10.47 7.03
C LEU A 191 -7.27 9.05 7.20
N LEU A 192 -7.76 8.75 8.40
CA LEU A 192 -8.30 7.42 8.68
C LEU A 192 -9.48 7.15 7.76
N LEU A 193 -10.28 8.17 7.46
CA LEU A 193 -11.45 7.97 6.61
C LEU A 193 -11.17 7.83 5.11
N ARG A 194 -9.96 7.39 4.79
CA ARG A 194 -9.54 7.15 3.42
C ARG A 194 -9.30 5.65 3.26
N LEU A 195 -9.19 4.98 4.40
CA LEU A 195 -8.94 3.52 4.39
C LEU A 195 -10.08 2.75 3.76
N PRO A 196 -11.32 3.18 4.00
CA PRO A 196 -12.45 2.46 3.40
C PRO A 196 -12.35 2.51 1.87
N ALA A 197 -12.04 3.69 1.34
CA ALA A 197 -11.90 3.84 -0.11
C ALA A 197 -10.75 2.95 -0.58
N LEU A 198 -9.64 2.98 0.16
CA LEU A 198 -8.48 2.17 -0.16
C LEU A 198 -8.80 0.68 -0.16
N ARG A 199 -9.64 0.26 0.77
CA ARG A 199 -10.05 -1.14 0.88
C ARG A 199 -10.90 -1.57 -0.32
N SER A 200 -11.87 -0.72 -0.67
CA SER A 200 -12.76 -0.95 -1.79
C SER A 200 -11.94 -1.02 -3.07
N ILE A 201 -11.04 -0.05 -3.26
CA ILE A 201 -10.22 -0.01 -4.47
C ILE A 201 -9.20 -1.13 -4.55
N GLY A 202 -8.71 -1.52 -3.38
CA GLY A 202 -7.74 -2.60 -3.31
C GLY A 202 -8.39 -3.86 -3.80
N LEU A 203 -9.64 -4.09 -3.38
CA LEU A 203 -10.36 -5.31 -3.75
C LEU A 203 -10.70 -5.42 -5.24
N LYS A 204 -11.09 -4.29 -5.84
CA LYS A 204 -11.43 -4.27 -7.23
C LYS A 204 -10.18 -4.53 -8.08
N CYS A 205 -9.06 -3.93 -7.67
CA CYS A 205 -7.82 -4.13 -8.41
C CYS A 205 -7.42 -5.59 -8.43
N LEU A 206 -7.68 -6.29 -7.33
CA LEU A 206 -7.36 -7.71 -7.27
C LEU A 206 -8.18 -8.47 -8.27
N GLU A 207 -9.49 -8.17 -8.32
CA GLU A 207 -10.39 -8.83 -9.26
C GLU A 207 -9.83 -8.73 -10.68
N HIS A 208 -9.39 -7.54 -11.06
CA HIS A 208 -8.82 -7.30 -12.39
C HIS A 208 -7.58 -8.18 -12.60
N LEU A 209 -6.69 -8.20 -11.61
CA LEU A 209 -5.47 -9.01 -11.69
C LEU A 209 -5.79 -10.49 -11.87
N PHE A 210 -6.81 -10.97 -11.16
CA PHE A 210 -7.18 -12.38 -11.28
C PHE A 210 -7.73 -12.67 -12.67
N PHE A 211 -8.47 -11.73 -13.22
CA PHE A 211 -9.02 -11.90 -14.55
C PHE A 211 -7.88 -11.90 -15.58
N PHE A 212 -6.90 -11.00 -15.39
CA PHE A 212 -5.76 -10.90 -16.28
C PHE A 212 -4.97 -12.24 -16.29
N LYS A 213 -4.86 -12.84 -15.12
CA LYS A 213 -4.14 -14.10 -15.00
C LYS A 213 -4.94 -15.21 -15.66
N LEU A 214 -6.26 -15.13 -15.53
CA LEU A 214 -7.15 -16.13 -16.10
C LEU A 214 -7.10 -16.11 -17.63
N ILE A 215 -7.34 -14.94 -18.21
CA ILE A 215 -7.34 -14.77 -19.66
C ILE A 215 -6.02 -15.22 -20.27
N GLY A 216 -4.95 -15.11 -19.50
CA GLY A 216 -3.65 -15.51 -20.02
C GLY A 216 -2.82 -14.37 -20.55
N ASP A 217 -3.46 -13.42 -21.24
CA ASP A 217 -2.73 -12.26 -21.78
C ASP A 217 -2.14 -11.45 -20.62
N THR A 218 -1.28 -10.50 -20.93
CA THR A 218 -0.66 -9.68 -19.88
C THR A 218 0.29 -10.53 -19.06
N PRO A 219 1.60 -10.33 -19.26
CA PRO A 219 2.63 -11.06 -18.53
C PRO A 219 2.58 -10.76 -17.05
N ILE A 220 2.83 -11.78 -16.23
CA ILE A 220 2.83 -11.61 -14.78
C ILE A 220 4.06 -12.30 -14.20
N ASP A 221 4.91 -11.51 -13.54
CA ASP A 221 6.13 -12.03 -12.93
C ASP A 221 5.88 -12.92 -11.73
N THR A 222 6.97 -13.50 -11.24
CA THR A 222 6.92 -14.45 -10.14
C THR A 222 6.36 -14.00 -8.81
N PHE A 223 6.83 -12.86 -8.32
CA PHE A 223 6.41 -12.37 -7.03
C PHE A 223 4.94 -11.96 -7.05
N LEU A 224 4.54 -11.27 -8.12
CA LEU A 224 3.15 -10.86 -8.28
C LEU A 224 2.31 -12.13 -8.35
N MET A 225 2.75 -13.08 -9.16
CA MET A 225 2.04 -14.34 -9.31
C MET A 225 1.86 -15.05 -7.97
N GLU A 226 2.89 -15.02 -7.14
CA GLU A 226 2.82 -15.67 -5.85
C GLU A 226 1.72 -15.05 -4.98
N MET A 227 1.58 -13.73 -5.07
CA MET A 227 0.58 -13.02 -4.28
C MET A 227 -0.84 -13.35 -4.72
N LEU A 228 -0.97 -13.80 -5.97
CA LEU A 228 -2.25 -14.17 -6.55
C LEU A 228 -2.52 -15.66 -6.32
N GLU A 229 -1.74 -16.27 -5.43
CA GLU A 229 -1.89 -17.69 -5.10
C GLU A 229 -3.02 -17.89 -4.10
N ALA A 230 -3.15 -19.11 -3.62
CA ALA A 230 -4.18 -19.46 -2.65
C ALA A 230 -3.57 -19.56 -1.27
N PRO A 231 -4.30 -19.12 -0.22
CA PRO A 231 -5.65 -18.53 -0.30
C PRO A 231 -5.69 -17.24 -1.10
N LYS B 1 4.31 -23.35 0.30
CA LYS B 1 4.00 -22.22 -0.61
C LYS B 1 4.63 -20.91 -0.14
N HIS B 2 4.50 -19.87 -0.97
CA HIS B 2 5.03 -18.55 -0.65
C HIS B 2 6.55 -18.56 -0.58
N LYS B 3 7.18 -19.27 -1.51
CA LYS B 3 8.64 -19.37 -1.56
C LYS B 3 9.36 -18.01 -1.44
N ILE B 4 9.20 -17.17 -2.46
CA ILE B 4 9.82 -15.86 -2.51
C ILE B 4 9.64 -15.00 -1.24
N LEU B 5 8.40 -14.77 -0.87
CA LEU B 5 8.08 -13.96 0.30
C LEU B 5 8.85 -14.43 1.54
N HIS B 6 8.87 -15.73 1.78
CA HIS B 6 9.57 -16.28 2.94
C HIS B 6 11.06 -16.03 2.92
N ARG B 7 11.67 -16.27 1.77
CA ARG B 7 13.10 -16.08 1.62
C ARG B 7 13.48 -14.63 1.83
N LEU B 8 12.68 -13.72 1.30
CA LEU B 8 12.95 -12.29 1.44
C LEU B 8 12.83 -11.78 2.87
N LEU B 9 11.87 -12.33 3.62
CA LEU B 9 11.67 -11.91 5.01
C LEU B 9 12.76 -12.42 5.92
N GLN B 10 13.25 -13.62 5.64
CA GLN B 10 14.28 -14.26 6.42
C GLN B 10 15.64 -13.58 6.27
N ASP B 11 15.87 -12.94 5.14
CA ASP B 11 17.15 -12.28 4.89
C ASP B 11 17.25 -10.94 5.61
C4' 29V C . -5.13 1.62 -11.72
C1' 29V C . -4.10 0.47 -9.73
C2' 29V C . -3.22 -0.68 -9.24
C8 29V C . -3.12 -3.23 -9.44
C5 29V C . -4.66 -0.86 -11.80
C6 29V C . -4.31 -2.05 -11.21
C4 29V C . -5.49 -0.89 -12.94
C2 29V C . -5.60 -3.30 -12.81
C18 29V C . -4.18 0.50 -11.26
C3 29V C . -5.95 -2.11 -13.42
C1 29V C . -4.76 -3.28 -11.69
C7 29V C . -3.55 -1.99 -9.95
C9 29V C . -2.36 -3.40 -8.20
C19 29V C . -2.97 -4.32 -7.14
C10 29V C . -1.14 -2.80 -7.89
C11 29V C . -0.33 -1.88 -8.72
C12 29V C . 0.84 -1.43 -8.10
C13 29V C . 1.79 -0.52 -8.69
C20 29V C . 1.73 -0.14 -10.17
C14 29V C . 2.81 0.00 -7.86
C15 29V C . 3.80 0.94 -8.35
O1 29V C . 4.32 1.74 -7.52
O2 29V C . 4.15 0.90 -9.55
#